data_7P0Y
#
_entry.id   7P0Y
#
_cell.length_a   74.690
_cell.length_b   82.603
_cell.length_c   93.780
_cell.angle_alpha   90.000
_cell.angle_beta   90.000
_cell.angle_gamma   90.000
#
_symmetry.space_group_name_H-M   'P 21 2 21'
#
loop_
_entity.id
_entity.type
_entity.pdbx_description
1 polymer 'Monoacylglycerol lipase'
2 non-polymer 1-[butyl(fluoranyl)phosphoryl]oxyhexadecane
3 water water
#
_entity_poly.entity_id   1
_entity_poly.type   'polypeptide(L)'
_entity_poly.pdbx_seq_one_letter_code
;GAMGSMTTTRTERNFAGIGDVRIVYDVWTPDTAPQAVVVLAHGLGEHARRYDHVAQRLGAAGLVTYALDHRGHGRSGGAR
VLVRDISEYTADFDTLVGIATREYPGCKRIVLGHSMGGGIVFAYGVERPDNYDLMVLSAPAVAAQDLVSPVVAVAAKLLG
VVVPGLPVQELDFTAISRDPEVVQAYNTDPLVHHGRVPAGIGRALLQVGETMPRRAPALTAPLLVLHGTDDRLIPIEGSR
RLVECVGSADVQLKEYPGLYHEVFNEPERNQVLDDVVAWLTERL
;
_entity_poly.pdbx_strand_id   A,B
#
# COMPACT_ATOMS: atom_id res chain seq x y z
N THR A 7 1.49 13.38 27.60
CA THR A 7 2.16 12.55 28.59
C THR A 7 1.74 11.09 28.46
N THR A 8 2.71 10.22 28.18
CA THR A 8 2.49 8.80 28.07
C THR A 8 3.09 8.11 29.28
N THR A 9 2.33 7.18 29.88
CA THR A 9 2.68 6.57 31.15
C THR A 9 2.75 5.05 30.98
N ARG A 10 3.74 4.44 31.64
CA ARG A 10 4.01 3.02 31.51
C ARG A 10 3.46 2.23 32.69
N THR A 11 2.79 1.12 32.40
CA THR A 11 2.38 0.14 33.39
C THR A 11 2.99 -1.21 33.02
N GLU A 12 3.47 -1.93 34.03
CA GLU A 12 4.10 -3.23 33.83
C GLU A 12 3.12 -4.33 34.23
N ARG A 13 2.88 -5.27 33.30
CA ARG A 13 1.93 -6.36 33.50
C ARG A 13 2.56 -7.64 32.98
N ASN A 14 1.80 -8.73 33.02
CA ASN A 14 2.34 -10.02 32.59
C ASN A 14 1.21 -10.99 32.25
N PHE A 15 1.59 -12.06 31.56
CA PHE A 15 0.69 -13.17 31.27
C PHE A 15 1.51 -14.46 31.22
N ALA A 16 0.80 -15.58 31.17
CA ALA A 16 1.44 -16.89 31.09
C ALA A 16 1.55 -17.28 29.62
N GLY A 17 2.78 -17.39 29.13
CA GLY A 17 3.04 -17.72 27.74
C GLY A 17 2.99 -19.21 27.48
N ILE A 18 3.40 -19.56 26.26
CA ILE A 18 3.49 -20.97 25.88
C ILE A 18 4.46 -21.68 26.81
N GLY A 19 4.08 -22.88 27.24
CA GLY A 19 4.90 -23.61 28.20
C GLY A 19 4.90 -23.01 29.58
N ASP A 20 3.93 -22.14 29.88
CA ASP A 20 3.78 -21.51 31.19
C ASP A 20 5.05 -20.77 31.62
N VAL A 21 5.60 -20.01 30.69
CA VAL A 21 6.70 -19.08 30.97
C VAL A 21 6.09 -17.69 31.17
N ARG A 22 6.45 -17.05 32.28
CA ARG A 22 5.87 -15.74 32.59
C ARG A 22 6.42 -14.70 31.63
N ILE A 23 5.53 -14.09 30.86
CA ILE A 23 5.88 -13.06 29.88
C ILE A 23 5.52 -11.71 30.47
N VAL A 24 6.53 -10.87 30.70
CA VAL A 24 6.32 -9.50 31.18
C VAL A 24 6.18 -8.57 29.98
N TYR A 25 5.25 -7.61 30.07
CA TYR A 25 5.08 -6.64 29.01
C TYR A 25 4.68 -5.30 29.61
N ASP A 26 5.12 -4.23 28.95
CA ASP A 26 4.74 -2.88 29.32
C ASP A 26 3.55 -2.42 28.50
N VAL A 27 2.78 -1.50 29.06
CA VAL A 27 1.70 -0.82 28.35
C VAL A 27 1.92 0.67 28.52
N TRP A 28 2.14 1.37 27.41
CA TRP A 28 2.32 2.81 27.40
C TRP A 28 1.01 3.46 26.97
N THR A 29 0.36 4.15 27.90
CA THR A 29 -0.91 4.80 27.62
C THR A 29 -0.74 6.31 27.59
N PRO A 30 -1.13 6.98 26.51
CA PRO A 30 -1.09 8.44 26.50
C PRO A 30 -2.25 9.03 27.28
N ASP A 31 -2.08 10.30 27.65
CA ASP A 31 -3.11 11.02 28.38
C ASP A 31 -4.18 11.61 27.46
N THR A 32 -4.14 11.30 26.17
CA THR A 32 -5.10 11.78 25.19
C THR A 32 -5.97 10.63 24.71
N ALA A 33 -6.94 10.95 23.86
CA ALA A 33 -7.85 9.95 23.31
C ALA A 33 -7.08 8.96 22.45
N PRO A 34 -7.15 7.67 22.76
CA PRO A 34 -6.34 6.69 22.01
C PRO A 34 -6.76 6.60 20.55
N GLN A 35 -5.77 6.72 19.65
CA GLN A 35 -6.05 6.64 18.22
C GLN A 35 -6.07 5.18 17.74
N ALA A 36 -5.14 4.38 18.23
CA ALA A 36 -4.99 2.98 17.86
C ALA A 36 -3.98 2.37 18.83
N VAL A 37 -3.75 1.08 18.70
CA VAL A 37 -2.83 0.34 19.55
C VAL A 37 -1.67 -0.18 18.71
N VAL A 38 -0.49 -0.21 19.33
CA VAL A 38 0.73 -0.73 18.73
C VAL A 38 1.23 -1.88 19.58
N VAL A 39 1.50 -3.02 18.95
CA VAL A 39 2.06 -4.19 19.62
C VAL A 39 3.46 -4.39 19.08
N LEU A 40 4.46 -4.26 19.96
CA LEU A 40 5.85 -4.12 19.57
C LEU A 40 6.66 -5.34 20.01
N ALA A 41 7.53 -5.81 19.13
CA ALA A 41 8.37 -6.97 19.39
C ALA A 41 9.84 -6.58 19.23
N HIS A 42 10.60 -6.67 20.31
CA HIS A 42 12.01 -6.29 20.29
C HIS A 42 12.85 -7.39 19.64
N GLY A 43 14.14 -7.08 19.46
CA GLY A 43 15.04 -7.95 18.73
C GLY A 43 15.78 -8.93 19.64
N LEU A 44 16.75 -9.62 19.03
CA LEU A 44 17.50 -10.64 19.72
C LEU A 44 18.35 -10.05 20.84
N GLY A 45 18.23 -10.62 22.03
CA GLY A 45 19.09 -10.27 23.14
C GLY A 45 18.77 -8.95 23.82
N GLU A 46 17.80 -8.19 23.33
CA GLU A 46 17.42 -6.94 23.96
C GLU A 46 16.09 -7.12 24.70
N HIS A 47 15.40 -6.02 24.98
CA HIS A 47 14.17 -6.07 25.75
C HIS A 47 13.33 -4.83 25.45
N ALA A 48 12.10 -4.84 25.97
CA ALA A 48 11.14 -3.81 25.62
C ALA A 48 11.52 -2.44 26.17
N ARG A 49 12.28 -2.40 27.27
CA ARG A 49 12.63 -1.12 27.88
C ARG A 49 13.64 -0.33 27.07
N ARG A 50 14.27 -0.93 26.07
CA ARG A 50 15.09 -0.17 25.13
C ARG A 50 14.24 0.60 24.13
N TYR A 51 12.92 0.48 24.20
CA TYR A 51 12.01 1.13 23.27
C TYR A 51 11.15 2.18 23.93
N ASP A 52 11.53 2.63 25.14
CA ASP A 52 10.78 3.66 25.84
C ASP A 52 10.53 4.87 24.94
N HIS A 53 11.61 5.41 24.35
CA HIS A 53 11.48 6.61 23.53
C HIS A 53 10.60 6.39 22.32
N VAL A 54 10.53 5.15 21.81
CA VAL A 54 9.64 4.87 20.68
C VAL A 54 8.19 4.92 21.13
N ALA A 55 7.87 4.23 22.23
CA ALA A 55 6.50 4.25 22.74
C ALA A 55 6.07 5.64 23.16
N GLN A 56 7.01 6.48 23.61
CA GLN A 56 6.67 7.86 23.94
C GLN A 56 6.34 8.65 22.68
N ARG A 57 7.16 8.51 21.63
CA ARG A 57 6.89 9.20 20.38
C ARG A 57 5.56 8.77 19.78
N LEU A 58 5.27 7.46 19.80
CA LEU A 58 3.97 6.99 19.34
C LEU A 58 2.85 7.47 20.25
N GLY A 59 3.13 7.59 21.56
CA GLY A 59 2.12 8.10 22.47
C GLY A 59 1.75 9.54 22.18
N ALA A 60 2.73 10.35 21.78
CA ALA A 60 2.45 11.71 21.36
C ALA A 60 1.56 11.76 20.13
N ALA A 61 1.45 10.66 19.39
CA ALA A 61 0.50 10.52 18.31
C ALA A 61 -0.79 9.83 18.75
N GLY A 62 -1.02 9.75 20.05
CA GLY A 62 -2.24 9.14 20.56
C GLY A 62 -2.31 7.63 20.46
N LEU A 63 -1.16 6.96 20.39
CA LEU A 63 -1.11 5.51 20.24
C LEU A 63 -0.74 4.84 21.55
N VAL A 64 -1.40 3.73 21.84
CA VAL A 64 -1.06 2.90 23.00
C VAL A 64 -0.13 1.79 22.53
N THR A 65 0.98 1.62 23.23
CA THR A 65 2.03 0.69 22.81
C THR A 65 2.12 -0.47 23.80
N TYR A 66 1.94 -1.69 23.30
CA TYR A 66 2.17 -2.91 24.06
C TYR A 66 3.50 -3.50 23.62
N ALA A 67 4.43 -3.65 24.56
CA ALA A 67 5.77 -4.14 24.26
C ALA A 67 6.12 -5.23 25.27
N LEU A 68 6.31 -6.44 24.77
CA LEU A 68 6.59 -7.60 25.61
C LEU A 68 8.06 -7.96 25.57
N ASP A 69 8.60 -8.30 26.74
CA ASP A 69 9.87 -8.99 26.81
C ASP A 69 9.67 -10.43 26.37
N HIS A 70 10.33 -10.82 25.28
CA HIS A 70 10.20 -12.19 24.80
C HIS A 70 10.74 -13.16 25.84
N ARG A 71 10.32 -14.43 25.73
CA ARG A 71 10.84 -15.46 26.61
C ARG A 71 12.36 -15.52 26.51
N GLY A 72 13.01 -15.69 27.66
CA GLY A 72 14.45 -15.62 27.72
C GLY A 72 15.03 -14.24 27.51
N HIS A 73 14.24 -13.19 27.69
CA HIS A 73 14.68 -11.82 27.49
C HIS A 73 14.14 -10.93 28.59
N GLY A 74 14.98 -10.02 29.07
CA GLY A 74 14.52 -8.98 29.99
C GLY A 74 13.89 -9.54 31.24
N ARG A 75 12.70 -9.04 31.57
CA ARG A 75 12.01 -9.42 32.80
C ARG A 75 11.21 -10.71 32.67
N SER A 76 11.13 -11.29 31.47
CA SER A 76 10.34 -12.50 31.27
C SER A 76 11.12 -13.72 31.74
N GLY A 77 10.40 -14.82 31.93
CA GLY A 77 10.98 -16.04 32.41
C GLY A 77 11.63 -16.87 31.32
N GLY A 78 12.07 -18.05 31.71
CA GLY A 78 12.70 -18.98 30.79
C GLY A 78 14.21 -18.79 30.72
N ALA A 79 14.88 -19.83 30.26
CA ALA A 79 16.33 -19.76 30.07
C ALA A 79 16.68 -18.67 29.08
N ARG A 80 17.76 -17.95 29.36
CA ARG A 80 18.13 -16.79 28.56
C ARG A 80 18.30 -17.15 27.10
N VAL A 81 17.70 -16.35 26.22
CA VAL A 81 17.67 -16.50 24.77
C VAL A 81 17.52 -17.95 24.34
N LEU A 82 16.74 -18.73 25.08
CA LEU A 82 16.44 -20.10 24.71
C LEU A 82 15.07 -20.16 24.04
N VAL A 83 15.02 -20.72 22.84
CA VAL A 83 13.76 -21.03 22.18
C VAL A 83 13.99 -22.28 21.34
N ARG A 84 12.98 -23.14 21.29
CA ARG A 84 13.05 -24.37 20.51
C ARG A 84 12.34 -24.29 19.18
N ASP A 85 11.54 -23.24 18.95
CA ASP A 85 10.76 -23.13 17.73
C ASP A 85 10.26 -21.70 17.63
N ILE A 86 10.18 -21.18 16.40
CA ILE A 86 9.70 -19.83 16.17
C ILE A 86 8.27 -19.66 16.68
N SER A 87 7.50 -20.76 16.73
CA SER A 87 6.11 -20.68 17.15
C SER A 87 5.97 -20.23 18.60
N GLU A 88 6.98 -20.50 19.43
CA GLU A 88 6.94 -20.01 20.80
C GLU A 88 6.88 -18.49 20.85
N TYR A 89 7.66 -17.82 20.00
CA TYR A 89 7.62 -16.36 19.94
C TYR A 89 6.30 -15.87 19.36
N THR A 90 5.87 -16.45 18.24
CA THR A 90 4.66 -15.96 17.57
C THR A 90 3.42 -16.22 18.40
N ALA A 91 3.41 -17.28 19.21
CA ALA A 91 2.27 -17.54 20.08
C ALA A 91 2.19 -16.50 21.20
N ASP A 92 3.33 -16.20 21.83
CA ASP A 92 3.34 -15.17 22.87
C ASP A 92 3.01 -13.80 22.31
N PHE A 93 3.43 -13.51 21.07
CA PHE A 93 3.04 -12.25 20.44
C PHE A 93 1.55 -12.25 20.10
N ASP A 94 1.03 -13.40 19.64
CA ASP A 94 -0.40 -13.50 19.36
C ASP A 94 -1.22 -13.23 20.62
N THR A 95 -0.84 -13.85 21.74
CA THR A 95 -1.53 -13.59 23.01
C THR A 95 -1.52 -12.11 23.35
N LEU A 96 -0.40 -11.44 23.13
CA LEU A 96 -0.31 -10.01 23.45
C LEU A 96 -1.20 -9.18 22.53
N VAL A 97 -1.29 -9.57 21.24
CA VAL A 97 -2.20 -8.88 20.33
C VAL A 97 -3.64 -9.01 20.82
N GLY A 98 -4.01 -10.21 21.27
CA GLY A 98 -5.36 -10.41 21.78
C GLY A 98 -5.65 -9.61 23.03
N ILE A 99 -4.64 -9.45 23.89
CA ILE A 99 -4.82 -8.66 25.11
C ILE A 99 -5.15 -7.21 24.75
N ALA A 100 -4.43 -6.64 23.79
CA ALA A 100 -4.71 -5.28 23.36
C ALA A 100 -6.03 -5.18 22.60
N THR A 101 -6.42 -6.24 21.88
CA THR A 101 -7.68 -6.23 21.15
C THR A 101 -8.86 -6.18 22.11
N ARG A 102 -8.74 -6.85 23.27
CA ARG A 102 -9.84 -6.88 24.22
C ARG A 102 -9.89 -5.64 25.08
N GLU A 103 -8.74 -5.02 25.35
CA GLU A 103 -8.72 -3.81 26.17
C GLU A 103 -9.02 -2.57 25.35
N TYR A 104 -8.75 -2.59 24.05
CA TYR A 104 -9.12 -1.51 23.13
C TYR A 104 -9.84 -2.12 21.92
N PRO A 105 -11.07 -2.58 22.11
CA PRO A 105 -11.83 -3.11 20.97
C PRO A 105 -12.20 -2.01 20.00
N GLY A 106 -12.24 -2.36 18.71
CA GLY A 106 -12.54 -1.43 17.67
C GLY A 106 -11.40 -0.51 17.27
N CYS A 107 -10.36 -0.38 18.10
CA CYS A 107 -9.19 0.37 17.71
C CYS A 107 -8.37 -0.42 16.71
N LYS A 108 -7.78 0.28 15.74
CA LYS A 108 -6.92 -0.38 14.77
C LYS A 108 -5.65 -0.88 15.46
N ARG A 109 -5.11 -1.98 14.93
CA ARG A 109 -4.02 -2.70 15.57
C ARG A 109 -2.79 -2.65 14.68
N ILE A 110 -1.69 -2.12 15.22
CA ILE A 110 -0.44 -1.98 14.50
C ILE A 110 0.59 -2.91 15.12
N VAL A 111 1.09 -3.86 14.34
CA VAL A 111 2.13 -4.77 14.79
C VAL A 111 3.48 -4.24 14.33
N LEU A 112 4.41 -4.10 15.26
CA LEU A 112 5.70 -3.45 15.01
C LEU A 112 6.81 -4.34 15.54
N GLY A 113 7.80 -4.62 14.70
CA GLY A 113 8.90 -5.48 15.09
C GLY A 113 10.22 -4.94 14.57
N HIS A 114 11.27 -5.22 15.33
CA HIS A 114 12.63 -4.84 14.96
C HIS A 114 13.53 -6.07 14.98
N SER A 115 14.22 -6.30 13.86
CA SER A 115 15.25 -7.34 13.73
C SER A 115 14.60 -8.69 13.98
N MET A 116 14.99 -9.44 15.02
CA MET A 116 14.32 -10.70 15.32
C MET A 116 12.84 -10.48 15.61
N GLY A 117 12.52 -9.36 16.26
CA GLY A 117 11.12 -9.00 16.43
C GLY A 117 10.41 -8.82 15.10
N GLY A 118 11.12 -8.28 14.11
CA GLY A 118 10.55 -8.16 12.79
C GLY A 118 10.30 -9.52 12.14
N GLY A 119 11.17 -10.48 12.40
CA GLY A 119 10.93 -11.83 11.91
C GLY A 119 9.75 -12.49 12.60
N ILE A 120 9.58 -12.23 13.91
CA ILE A 120 8.45 -12.79 14.63
C ILE A 120 7.15 -12.13 14.20
N VAL A 121 7.16 -10.80 14.06
CA VAL A 121 5.98 -10.08 13.60
C VAL A 121 5.60 -10.54 12.20
N PHE A 122 6.60 -10.80 11.36
CA PHE A 122 6.34 -11.30 10.01
C PHE A 122 5.69 -12.68 10.05
N ALA A 123 6.29 -13.61 10.80
CA ALA A 123 5.74 -14.97 10.88
C ALA A 123 4.36 -14.96 11.52
N TYR A 124 4.16 -14.14 12.55
CA TYR A 124 2.84 -13.96 13.14
C TYR A 124 1.86 -13.44 12.09
N GLY A 125 2.31 -12.53 11.22
CA GLY A 125 1.40 -11.87 10.30
C GLY A 125 0.92 -12.76 9.18
N VAL A 126 1.84 -13.49 8.54
CA VAL A 126 1.47 -14.38 7.44
C VAL A 126 0.57 -15.49 7.92
N GLU A 127 0.61 -15.81 9.22
CA GLU A 127 -0.25 -16.83 9.80
C GLU A 127 -1.59 -16.28 10.26
N ARG A 128 -1.66 -15.00 10.59
CA ARG A 128 -2.91 -14.35 10.99
C ARG A 128 -3.03 -13.02 10.28
N PRO A 129 -3.23 -13.03 8.95
CA PRO A 129 -3.20 -11.78 8.17
C PRO A 129 -4.37 -10.85 8.42
N ASP A 130 -5.38 -11.27 9.20
CA ASP A 130 -6.52 -10.42 9.49
C ASP A 130 -6.65 -10.12 10.98
N ASN A 131 -5.66 -10.48 11.79
CA ASN A 131 -5.64 -10.16 13.21
C ASN A 131 -5.04 -8.80 13.51
N TYR A 132 -4.62 -8.08 12.48
CA TYR A 132 -4.01 -6.76 12.63
C TYR A 132 -4.37 -5.93 11.40
N ASP A 133 -4.11 -4.63 11.49
CA ASP A 133 -4.45 -3.72 10.40
C ASP A 133 -3.25 -3.10 9.72
N LEU A 134 -2.16 -2.85 10.44
CA LEU A 134 -0.97 -2.23 9.86
C LEU A 134 0.28 -2.90 10.44
N MET A 135 1.27 -3.12 9.59
CA MET A 135 2.54 -3.70 9.99
C MET A 135 3.66 -2.71 9.71
N VAL A 136 4.52 -2.52 10.71
CA VAL A 136 5.74 -1.73 10.58
C VAL A 136 6.90 -2.62 11.01
N LEU A 137 7.87 -2.79 10.12
CA LEU A 137 9.02 -3.65 10.38
C LEU A 137 10.29 -2.81 10.31
N SER A 138 11.13 -2.93 11.33
CA SER A 138 12.41 -2.24 11.40
C SER A 138 13.52 -3.28 11.20
N ALA A 139 14.19 -3.22 10.04
CA ALA A 139 15.23 -4.13 9.63
C ALA A 139 14.86 -5.59 9.98
N PRO A 140 13.79 -6.12 9.40
CA PRO A 140 13.32 -7.45 9.83
C PRO A 140 14.31 -8.54 9.46
N ALA A 141 14.48 -9.49 10.37
CA ALA A 141 15.37 -10.63 10.15
C ALA A 141 14.60 -11.74 9.44
N VAL A 142 14.34 -11.50 8.15
CA VAL A 142 13.58 -12.42 7.32
C VAL A 142 14.43 -13.03 6.22
N ALA A 143 15.75 -12.83 6.27
CA ALA A 143 16.66 -13.40 5.29
C ALA A 143 17.96 -13.80 5.97
N ALA A 144 17.83 -14.47 7.12
CA ALA A 144 19.00 -14.86 7.90
C ALA A 144 19.87 -15.86 7.15
N GLN A 145 19.28 -16.63 6.23
CA GLN A 145 20.04 -17.63 5.49
C GLN A 145 21.04 -17.02 4.52
N ASP A 146 20.94 -15.74 4.23
CA ASP A 146 21.93 -15.07 3.39
C ASP A 146 23.21 -14.71 4.14
N LEU A 147 23.22 -14.87 5.46
CA LEU A 147 24.40 -14.57 6.26
C LEU A 147 25.36 -15.75 6.35
N VAL A 148 24.91 -16.96 6.05
CA VAL A 148 25.72 -18.16 6.17
C VAL A 148 25.57 -19.00 4.91
N SER A 149 26.56 -19.86 4.69
CA SER A 149 26.52 -20.81 3.58
C SER A 149 25.36 -21.78 3.78
N PRO A 150 24.91 -22.45 2.71
CA PRO A 150 23.85 -23.46 2.88
C PRO A 150 24.27 -24.60 3.78
N VAL A 151 25.55 -24.97 3.78
CA VAL A 151 26.04 -26.03 4.67
C VAL A 151 25.88 -25.59 6.13
N VAL A 152 26.24 -24.34 6.43
CA VAL A 152 26.09 -23.83 7.79
C VAL A 152 24.62 -23.80 8.18
N ALA A 153 23.74 -23.51 7.23
CA ALA A 153 22.30 -23.48 7.52
C ALA A 153 21.78 -24.88 7.83
N VAL A 154 22.29 -25.91 7.15
CA VAL A 154 21.93 -27.28 7.48
C VAL A 154 22.37 -27.61 8.91
N ALA A 155 23.60 -27.23 9.25
CA ALA A 155 24.12 -27.51 10.59
C ALA A 155 23.36 -26.74 11.66
N ALA A 156 23.06 -25.46 11.41
CA ALA A 156 22.43 -24.64 12.43
C ALA A 156 21.00 -25.09 12.72
N LYS A 157 20.27 -25.47 11.67
CA LYS A 157 18.89 -26.00 11.87
C LYS A 157 18.95 -27.26 12.76
N LEU A 158 19.87 -28.18 12.48
CA LEU A 158 19.97 -29.44 13.26
C LEU A 158 20.38 -29.12 14.71
N LEU A 159 21.32 -28.20 14.89
CA LEU A 159 21.80 -27.85 16.26
C LEU A 159 20.66 -27.17 17.03
N GLY A 160 19.90 -26.28 16.37
CA GLY A 160 18.78 -25.66 17.03
C GLY A 160 17.81 -26.67 17.61
N VAL A 161 17.80 -27.89 17.07
CA VAL A 161 16.98 -28.96 17.63
C VAL A 161 17.68 -29.62 18.82
N VAL A 162 18.89 -30.13 18.58
CA VAL A 162 19.56 -30.97 19.57
C VAL A 162 20.09 -30.13 20.72
N VAL A 163 20.82 -29.07 20.42
CA VAL A 163 21.36 -28.20 21.45
C VAL A 163 20.90 -26.77 21.22
N PRO A 164 19.63 -26.45 21.51
CA PRO A 164 19.14 -25.09 21.23
C PRO A 164 19.85 -24.01 22.03
N GLY A 165 20.51 -24.37 23.13
CA GLY A 165 21.21 -23.40 23.95
C GLY A 165 22.67 -23.20 23.61
N LEU A 166 23.20 -23.94 22.65
CA LEU A 166 24.61 -23.84 22.28
C LEU A 166 24.89 -22.53 21.54
N PRO A 167 25.80 -21.69 22.02
CA PRO A 167 26.18 -20.48 21.27
C PRO A 167 26.84 -20.86 19.95
N VAL A 168 26.39 -20.27 18.85
CA VAL A 168 26.86 -20.69 17.54
C VAL A 168 27.38 -19.53 16.70
N GLN A 169 26.89 -18.32 16.94
CA GLN A 169 27.21 -17.20 16.05
C GLN A 169 27.48 -15.93 16.86
N GLU A 170 28.65 -15.34 16.63
CA GLU A 170 29.01 -14.07 17.22
C GLU A 170 28.43 -12.92 16.41
N LEU A 171 28.02 -11.86 17.10
CA LEU A 171 27.46 -10.67 16.47
C LEU A 171 28.31 -9.45 16.77
N ASP A 172 28.40 -8.55 15.79
CA ASP A 172 29.11 -7.29 15.93
C ASP A 172 28.16 -6.29 16.59
N PHE A 173 28.26 -6.16 17.91
CA PHE A 173 27.41 -5.22 18.63
C PHE A 173 27.73 -3.78 18.29
N THR A 174 28.91 -3.50 17.74
CA THR A 174 29.23 -2.14 17.30
C THR A 174 28.47 -1.73 16.05
N ALA A 175 27.76 -2.66 15.41
CA ALA A 175 26.99 -2.37 14.22
C ALA A 175 25.57 -1.91 14.51
N ILE A 176 25.15 -1.91 15.77
CA ILE A 176 23.77 -1.55 16.08
C ILE A 176 23.53 -0.07 15.83
N SER A 177 24.54 0.78 16.02
CA SER A 177 24.33 2.21 15.93
C SER A 177 25.64 2.91 15.59
N ARG A 178 25.52 4.07 14.93
CA ARG A 178 26.65 4.96 14.73
C ARG A 178 26.95 5.81 15.96
N ASP A 179 26.04 5.84 16.93
CA ASP A 179 26.22 6.60 18.15
C ASP A 179 27.00 5.74 19.14
N PRO A 180 28.25 6.09 19.47
CA PRO A 180 29.01 5.27 20.42
C PRO A 180 28.36 5.18 21.78
N GLU A 181 27.57 6.18 22.17
CA GLU A 181 26.86 6.12 23.44
C GLU A 181 25.81 5.01 23.43
N VAL A 182 25.11 4.84 22.31
CA VAL A 182 24.12 3.77 22.19
C VAL A 182 24.80 2.41 22.31
N VAL A 183 25.96 2.25 21.67
CA VAL A 183 26.68 0.98 21.72
C VAL A 183 27.18 0.71 23.13
N GLN A 184 27.70 1.73 23.81
CA GLN A 184 28.19 1.54 25.17
C GLN A 184 27.05 1.28 26.15
N ALA A 185 25.93 1.99 26.01
CA ALA A 185 24.77 1.70 26.84
C ALA A 185 24.22 0.30 26.57
N TYR A 186 24.36 -0.18 25.34
CA TYR A 186 24.06 -1.58 25.03
C TYR A 186 25.12 -2.50 25.64
N ASN A 187 26.39 -2.11 25.51
CA ASN A 187 27.50 -2.90 26.05
C ASN A 187 27.41 -3.07 27.56
N THR A 188 26.69 -2.20 28.26
CA THR A 188 26.64 -2.20 29.71
C THR A 188 25.25 -2.44 30.27
N ASP A 189 24.30 -2.87 29.44
CA ASP A 189 22.94 -3.11 29.91
C ASP A 189 22.88 -4.47 30.60
N PRO A 190 22.49 -4.53 31.88
CA PRO A 190 22.44 -5.84 32.57
C PRO A 190 21.44 -6.81 31.99
N LEU A 191 20.40 -6.33 31.30
CA LEU A 191 19.35 -7.19 30.76
C LEU A 191 19.58 -7.57 29.31
N VAL A 192 20.62 -7.05 28.68
CA VAL A 192 20.97 -7.40 27.30
C VAL A 192 21.83 -8.66 27.32
N HIS A 193 21.51 -9.59 26.43
CA HIS A 193 22.33 -10.79 26.27
C HIS A 193 23.68 -10.41 25.67
N HIS A 194 24.74 -10.49 26.48
CA HIS A 194 26.08 -10.14 26.05
C HIS A 194 26.87 -11.34 25.53
N GLY A 195 26.18 -12.29 24.89
CA GLY A 195 26.85 -13.46 24.36
C GLY A 195 26.58 -13.67 22.89
N ARG A 196 26.77 -14.91 22.42
CA ARG A 196 26.60 -15.23 21.01
C ARG A 196 25.18 -15.70 20.73
N VAL A 197 24.83 -15.73 19.45
CA VAL A 197 23.52 -16.22 19.04
C VAL A 197 23.43 -17.71 19.35
N PRO A 198 22.41 -18.16 20.07
CA PRO A 198 22.25 -19.60 20.31
C PRO A 198 21.63 -20.30 19.12
N ALA A 199 21.82 -21.62 19.09
CA ALA A 199 21.39 -22.41 17.93
C ALA A 199 19.87 -22.41 17.79
N GLY A 200 19.15 -22.41 18.91
CA GLY A 200 17.70 -22.42 18.85
C GLY A 200 17.14 -21.21 18.13
N ILE A 201 17.65 -20.02 18.45
CA ILE A 201 17.22 -18.81 17.77
C ILE A 201 17.75 -18.79 16.34
N GLY A 202 18.98 -19.28 16.15
CA GLY A 202 19.52 -19.40 14.80
C GLY A 202 18.63 -20.24 13.90
N ARG A 203 18.15 -21.37 14.42
CA ARG A 203 17.25 -22.22 13.64
CA ARG A 203 17.25 -22.22 13.63
C ARG A 203 15.94 -21.50 13.34
N ALA A 204 15.38 -20.81 14.34
CA ALA A 204 14.11 -20.12 14.16
C ALA A 204 14.22 -19.03 13.09
N LEU A 205 15.28 -18.23 13.14
CA LEU A 205 15.47 -17.20 12.13
C LEU A 205 15.71 -17.81 10.75
N LEU A 206 16.41 -18.95 10.71
CA LEU A 206 16.66 -19.61 9.43
C LEU A 206 15.39 -20.20 8.86
N GLN A 207 14.50 -20.70 9.73
CA GLN A 207 13.22 -21.21 9.26
C GLN A 207 12.37 -20.11 8.65
N VAL A 208 12.31 -18.95 9.32
CA VAL A 208 11.56 -17.82 8.78
C VAL A 208 12.18 -17.35 7.47
N GLY A 209 13.51 -17.33 7.39
CA GLY A 209 14.17 -16.79 6.22
C GLY A 209 13.96 -17.62 4.97
N GLU A 210 14.09 -18.94 5.08
CA GLU A 210 13.99 -19.79 3.90
C GLU A 210 12.58 -19.80 3.31
N THR A 211 11.56 -19.61 4.14
CA THR A 211 10.17 -19.64 3.69
C THR A 211 9.58 -18.25 3.50
N MET A 212 10.36 -17.20 3.74
CA MET A 212 9.87 -15.84 3.54
C MET A 212 9.35 -15.60 2.12
N PRO A 213 10.06 -15.99 1.05
CA PRO A 213 9.51 -15.77 -0.30
C PRO A 213 8.18 -16.48 -0.53
N ARG A 214 8.04 -17.71 -0.04
CA ARG A 214 6.82 -18.47 -0.29
C ARG A 214 5.66 -18.00 0.58
N ARG A 215 5.94 -17.45 1.76
CA ARG A 215 4.90 -17.06 2.71
C ARG A 215 4.48 -15.60 2.62
N ALA A 216 5.38 -14.72 2.17
CA ALA A 216 5.14 -13.27 2.10
C ALA A 216 3.86 -12.88 1.36
N PRO A 217 3.47 -13.59 0.28
CA PRO A 217 2.18 -13.29 -0.36
C PRO A 217 1.00 -13.28 0.60
N ALA A 218 1.11 -14.00 1.73
CA ALA A 218 0.01 -14.03 2.68
C ALA A 218 -0.20 -12.69 3.37
N LEU A 219 0.82 -11.84 3.42
CA LEU A 219 0.66 -10.51 3.99
C LEU A 219 -0.17 -9.63 3.05
N THR A 220 -1.33 -9.17 3.53
CA THR A 220 -2.19 -8.31 2.73
C THR A 220 -2.43 -6.94 3.33
N ALA A 221 -2.21 -6.75 4.63
CA ALA A 221 -2.36 -5.46 5.24
C ALA A 221 -1.22 -4.54 4.81
N PRO A 222 -1.41 -3.22 4.89
CA PRO A 222 -0.34 -2.29 4.52
C PRO A 222 0.92 -2.55 5.36
N LEU A 223 2.07 -2.47 4.69
CA LEU A 223 3.35 -2.80 5.30
C LEU A 223 4.32 -1.65 5.13
N LEU A 224 5.01 -1.30 6.20
CA LEU A 224 6.08 -0.30 6.18
C LEU A 224 7.35 -0.96 6.69
N VAL A 225 8.39 -0.96 5.87
CA VAL A 225 9.69 -1.51 6.23
C VAL A 225 10.69 -0.37 6.33
N LEU A 226 11.44 -0.34 7.43
CA LEU A 226 12.48 0.64 7.67
C LEU A 226 13.83 -0.06 7.71
N HIS A 227 14.85 0.55 7.13
CA HIS A 227 16.16 -0.09 7.04
C HIS A 227 17.22 0.96 6.77
N GLY A 228 18.31 0.89 7.52
CA GLY A 228 19.47 1.72 7.25
C GLY A 228 20.38 1.05 6.21
N THR A 229 20.88 1.86 5.29
CA THR A 229 21.66 1.32 4.19
C THR A 229 23.00 0.75 4.65
N ASP A 230 23.56 1.28 5.73
CA ASP A 230 24.84 0.82 6.26
C ASP A 230 24.66 -0.22 7.37
N ASP A 231 23.57 -0.97 7.32
CA ASP A 231 23.29 -2.02 8.31
C ASP A 231 24.19 -3.21 8.03
N ARG A 232 25.11 -3.51 8.96
CA ARG A 232 25.98 -4.66 8.82
C ARG A 232 25.41 -5.92 9.46
N LEU A 233 24.49 -5.79 10.42
CA LEU A 233 23.88 -6.95 11.03
C LEU A 233 22.91 -7.63 10.06
N ILE A 234 22.02 -6.85 9.46
CA ILE A 234 21.04 -7.36 8.51
C ILE A 234 21.18 -6.56 7.21
N PRO A 235 21.71 -7.16 6.14
CA PRO A 235 21.85 -6.41 4.88
C PRO A 235 20.50 -5.91 4.39
N ILE A 236 20.52 -4.72 3.77
CA ILE A 236 19.30 -4.07 3.32
C ILE A 236 18.63 -4.84 2.19
N GLU A 237 19.39 -5.66 1.46
CA GLU A 237 18.80 -6.46 0.38
C GLU A 237 17.72 -7.40 0.89
N GLY A 238 17.84 -7.84 2.15
CA GLY A 238 16.80 -8.69 2.72
C GLY A 238 15.45 -7.99 2.80
N SER A 239 15.47 -6.68 3.08
CA SER A 239 14.23 -5.91 3.12
C SER A 239 13.73 -5.56 1.72
N ARG A 240 14.64 -5.37 0.77
CA ARG A 240 14.22 -5.14 -0.61
C ARG A 240 13.54 -6.37 -1.18
N ARG A 241 14.09 -7.56 -0.92
CA ARG A 241 13.44 -8.79 -1.35
C ARG A 241 12.10 -8.99 -0.65
N LEU A 242 11.98 -8.51 0.59
CA LEU A 242 10.72 -8.69 1.32
C LEU A 242 9.59 -7.89 0.67
N VAL A 243 9.83 -6.61 0.40
CA VAL A 243 8.77 -5.78 -0.16
C VAL A 243 8.43 -6.17 -1.60
N GLU A 244 9.35 -6.84 -2.29
CA GLU A 244 9.04 -7.38 -3.60
C GLU A 244 8.24 -8.66 -3.53
N CYS A 245 8.17 -9.31 -2.37
CA CYS A 245 7.56 -10.61 -2.23
C CYS A 245 6.24 -10.61 -1.49
N VAL A 246 5.94 -9.56 -0.71
CA VAL A 246 4.71 -9.55 0.05
C VAL A 246 3.51 -9.38 -0.88
N GLY A 247 2.36 -9.86 -0.41
CA GLY A 247 1.12 -9.70 -1.16
C GLY A 247 0.44 -8.36 -0.98
N SER A 248 0.89 -7.56 -0.02
CA SER A 248 0.29 -6.26 0.23
C SER A 248 0.45 -5.35 -0.97
N ALA A 249 -0.66 -4.71 -1.38
CA ALA A 249 -0.56 -3.68 -2.40
C ALA A 249 0.12 -2.44 -1.86
N ASP A 250 -0.21 -2.05 -0.63
CA ASP A 250 0.34 -0.85 0.00
C ASP A 250 1.55 -1.25 0.85
N VAL A 251 2.68 -1.43 0.16
CA VAL A 251 3.94 -1.76 0.80
C VAL A 251 4.96 -0.69 0.47
N GLN A 252 5.84 -0.41 1.42
CA GLN A 252 6.82 0.66 1.23
C GLN A 252 8.08 0.35 2.03
N LEU A 253 9.23 0.64 1.44
CA LEU A 253 10.52 0.50 2.09
C LEU A 253 11.17 1.87 2.18
N LYS A 254 11.41 2.33 3.41
CA LYS A 254 12.14 3.57 3.65
C LYS A 254 13.59 3.21 3.94
N GLU A 255 14.49 3.55 3.01
CA GLU A 255 15.91 3.35 3.19
C GLU A 255 16.52 4.62 3.76
N TYR A 256 17.37 4.47 4.77
CA TYR A 256 17.98 5.62 5.41
C TYR A 256 19.47 5.64 5.11
N PRO A 257 19.94 6.55 4.24
CA PRO A 257 21.34 6.51 3.82
C PRO A 257 22.29 6.70 4.99
N GLY A 258 23.21 5.74 5.15
CA GLY A 258 24.23 5.82 6.17
C GLY A 258 23.83 5.30 7.53
N LEU A 259 22.55 5.07 7.79
CA LEU A 259 22.13 4.63 9.11
C LEU A 259 22.54 3.19 9.35
N TYR A 260 22.86 2.89 10.62
CA TYR A 260 23.22 1.54 11.02
C TYR A 260 21.97 0.70 11.28
N HIS A 261 22.11 -0.37 12.06
CA HIS A 261 21.05 -1.35 12.16
C HIS A 261 19.83 -0.80 12.87
N GLU A 262 20.00 -0.33 14.12
CA GLU A 262 18.87 0.11 14.93
C GLU A 262 18.51 1.54 14.55
N VAL A 263 17.62 1.65 13.56
CA VAL A 263 17.20 2.97 13.07
C VAL A 263 16.46 3.74 14.16
N PHE A 264 15.82 3.03 15.10
CA PHE A 264 15.10 3.70 16.17
C PHE A 264 16.02 4.36 17.18
N ASN A 265 17.29 3.97 17.22
CA ASN A 265 18.25 4.52 18.16
C ASN A 265 19.35 5.33 17.48
N GLU A 266 19.22 5.57 16.18
CA GLU A 266 20.22 6.30 15.42
C GLU A 266 20.14 7.79 15.74
N PRO A 267 21.15 8.57 15.35
CA PRO A 267 21.01 10.03 15.45
C PRO A 267 19.77 10.57 14.75
N GLU A 268 19.43 10.01 13.58
CA GLU A 268 18.28 10.43 12.79
C GLU A 268 16.99 9.78 13.24
N ARG A 269 16.93 9.27 14.48
CA ARG A 269 15.78 8.48 14.92
C ARG A 269 14.50 9.29 14.91
N ASN A 270 14.59 10.60 15.10
CA ASN A 270 13.38 11.42 15.10
C ASN A 270 12.79 11.57 13.70
N GLN A 271 13.65 11.66 12.69
CA GLN A 271 13.16 11.64 11.31
C GLN A 271 12.58 10.26 10.97
N VAL A 272 13.17 9.21 11.51
CA VAL A 272 12.65 7.86 11.27
C VAL A 272 11.26 7.72 11.88
N LEU A 273 11.11 8.13 13.14
CA LEU A 273 9.81 8.01 13.81
C LEU A 273 8.80 9.00 13.25
N ASP A 274 9.27 10.16 12.75
CA ASP A 274 8.37 11.05 12.02
C ASP A 274 7.80 10.36 10.79
N ASP A 275 8.63 9.57 10.10
CA ASP A 275 8.15 8.84 8.93
C ASP A 275 7.15 7.76 9.33
N VAL A 276 7.38 7.11 10.48
CA VAL A 276 6.44 6.09 10.94
C VAL A 276 5.10 6.71 11.27
N VAL A 277 5.10 7.80 12.05
CA VAL A 277 3.86 8.46 12.43
C VAL A 277 3.13 8.97 11.20
N ALA A 278 3.86 9.55 10.25
CA ALA A 278 3.24 10.04 9.03
C ALA A 278 2.62 8.89 8.22
N TRP A 279 3.32 7.75 8.16
CA TRP A 279 2.79 6.60 7.44
C TRP A 279 1.54 6.05 8.12
N LEU A 280 1.54 5.98 9.44
CA LEU A 280 0.39 5.43 10.17
C LEU A 280 -0.83 6.33 10.03
N THR A 281 -0.63 7.66 10.07
CA THR A 281 -1.75 8.58 10.08
C THR A 281 -2.44 8.73 8.73
N GLU A 282 -1.74 8.44 7.63
CA GLU A 282 -2.43 8.38 6.34
C GLU A 282 -3.38 7.20 6.26
N ARG A 283 -3.20 6.19 7.12
CA ARG A 283 -3.93 4.93 7.00
C ARG A 283 -4.89 4.66 8.14
N LEU A 284 -4.77 5.36 9.26
CA LEU A 284 -5.68 5.16 10.38
C LEU A 284 -7.03 5.80 10.10
N ARG B 10 -0.33 -8.97 -23.35
CA ARG B 10 -0.11 -7.92 -22.38
C ARG B 10 1.26 -8.03 -21.71
N THR B 11 1.83 -6.89 -21.33
CA THR B 11 3.06 -6.81 -20.55
C THR B 11 2.79 -5.97 -19.31
N GLU B 12 3.82 -5.78 -18.48
CA GLU B 12 3.63 -5.10 -17.20
C GLU B 12 4.92 -4.39 -16.80
N ARG B 13 4.83 -3.07 -16.63
CA ARG B 13 5.98 -2.23 -16.27
C ARG B 13 5.50 -1.23 -15.22
N ASN B 14 6.38 -0.31 -14.82
CA ASN B 14 6.01 0.70 -13.84
C ASN B 14 6.87 1.95 -14.01
N PHE B 15 6.51 2.99 -13.26
CA PHE B 15 7.28 4.21 -13.17
C PHE B 15 7.02 4.87 -11.82
N ALA B 16 7.82 5.89 -11.51
CA ALA B 16 7.73 6.60 -10.23
C ALA B 16 6.93 7.89 -10.44
N GLY B 17 5.69 7.91 -9.94
CA GLY B 17 4.82 9.05 -10.10
C GLY B 17 5.13 10.15 -9.10
N ILE B 18 4.20 11.10 -9.02
CA ILE B 18 4.36 12.24 -8.12
C ILE B 18 4.43 11.75 -6.68
N GLY B 19 5.26 12.39 -5.87
CA GLY B 19 5.47 11.94 -4.51
C GLY B 19 6.27 10.67 -4.40
N ASP B 20 6.95 10.28 -5.49
CA ASP B 20 7.71 9.04 -5.56
C ASP B 20 6.88 7.84 -5.10
N VAL B 21 5.65 7.79 -5.59
CA VAL B 21 4.80 6.63 -5.41
C VAL B 21 4.98 5.71 -6.62
N ARG B 22 5.04 4.41 -6.37
CA ARG B 22 5.23 3.44 -7.45
C ARG B 22 3.94 3.34 -8.25
N ILE B 23 3.98 3.77 -9.51
CA ILE B 23 2.84 3.68 -10.42
C ILE B 23 3.14 2.60 -11.44
N VAL B 24 2.27 1.59 -11.49
CA VAL B 24 2.44 0.44 -12.39
C VAL B 24 1.44 0.58 -13.53
N TYR B 25 1.84 0.11 -14.71
CA TYR B 25 1.00 0.25 -15.89
C TYR B 25 1.18 -0.94 -16.82
N ASP B 26 0.09 -1.35 -17.47
CA ASP B 26 0.15 -2.32 -18.54
C ASP B 26 0.52 -1.64 -19.85
N VAL B 27 0.93 -2.45 -20.82
CA VAL B 27 1.13 -2.01 -22.20
C VAL B 27 0.64 -3.14 -23.10
N TRP B 28 -0.48 -2.93 -23.79
CA TRP B 28 -1.09 -3.93 -24.65
C TRP B 28 -0.65 -3.66 -26.09
N THR B 29 0.28 -4.48 -26.59
CA THR B 29 0.79 -4.32 -27.94
C THR B 29 0.16 -5.37 -28.85
N PRO B 30 -0.51 -4.98 -29.93
CA PRO B 30 -1.01 -5.97 -30.89
C PRO B 30 0.12 -6.51 -31.75
N ASP B 31 -0.18 -7.60 -32.45
CA ASP B 31 0.78 -8.23 -33.35
C ASP B 31 0.90 -7.49 -34.68
N THR B 32 -0.03 -6.59 -34.97
CA THR B 32 -0.11 -5.90 -36.24
C THR B 32 0.46 -4.50 -36.09
N ALA B 33 0.68 -3.84 -37.22
CA ALA B 33 1.32 -2.54 -37.26
C ALA B 33 0.53 -1.54 -36.42
N PRO B 34 1.19 -0.75 -35.57
CA PRO B 34 0.45 0.15 -34.67
C PRO B 34 -0.09 1.36 -35.42
N GLN B 35 -1.40 1.54 -35.36
CA GLN B 35 -2.03 2.71 -35.98
C GLN B 35 -1.87 3.94 -35.10
N ALA B 36 -2.21 3.83 -33.81
CA ALA B 36 -2.08 4.92 -32.85
C ALA B 36 -2.04 4.30 -31.45
N VAL B 37 -1.84 5.15 -30.44
CA VAL B 37 -1.72 4.71 -29.06
C VAL B 37 -2.91 5.22 -28.25
N VAL B 38 -3.45 4.37 -27.38
CA VAL B 38 -4.49 4.74 -26.42
C VAL B 38 -3.86 4.74 -25.03
N VAL B 39 -4.19 5.76 -24.24
CA VAL B 39 -3.76 5.87 -22.85
C VAL B 39 -5.01 5.92 -21.98
N LEU B 40 -5.17 4.91 -21.13
CA LEU B 40 -6.43 4.62 -20.47
C LEU B 40 -6.33 4.90 -18.98
N ALA B 41 -7.39 5.51 -18.42
CA ALA B 41 -7.47 5.81 -17.01
C ALA B 41 -8.71 5.13 -16.45
N HIS B 42 -8.50 4.19 -15.53
CA HIS B 42 -9.59 3.44 -14.93
C HIS B 42 -10.32 4.28 -13.89
N GLY B 43 -11.46 3.76 -13.42
CA GLY B 43 -12.32 4.47 -12.52
C GLY B 43 -11.96 4.24 -11.05
N LEU B 44 -12.83 4.76 -10.18
CA LEU B 44 -12.61 4.71 -8.75
C LEU B 44 -12.65 3.27 -8.24
N GLY B 45 -11.63 2.88 -7.50
CA GLY B 45 -11.62 1.63 -6.78
C GLY B 45 -11.26 0.40 -7.59
N GLU B 46 -11.07 0.53 -8.90
CA GLU B 46 -10.73 -0.59 -9.75
C GLU B 46 -9.28 -0.44 -10.22
N HIS B 47 -8.97 -0.94 -11.40
CA HIS B 47 -7.59 -0.96 -11.90
C HIS B 47 -7.61 -1.29 -13.38
N ALA B 48 -6.42 -1.29 -13.99
CA ALA B 48 -6.29 -1.45 -15.43
C ALA B 48 -6.74 -2.82 -15.92
N ARG B 49 -6.54 -3.86 -15.11
CA ARG B 49 -6.80 -5.22 -15.57
C ARG B 49 -8.29 -5.53 -15.73
N ARG B 50 -9.17 -4.65 -15.28
CA ARG B 50 -10.58 -4.77 -15.64
C ARG B 50 -10.83 -4.34 -17.08
N TYR B 51 -9.81 -3.81 -17.76
CA TYR B 51 -9.91 -3.39 -19.15
C TYR B 51 -9.07 -4.29 -20.06
N ASP B 52 -9.05 -5.58 -19.74
CA ASP B 52 -8.37 -6.55 -20.60
C ASP B 52 -9.04 -6.65 -21.95
N HIS B 53 -10.37 -6.78 -21.95
CA HIS B 53 -11.11 -6.93 -23.20
C HIS B 53 -11.12 -5.63 -24.01
N VAL B 54 -11.07 -4.48 -23.34
CA VAL B 54 -11.06 -3.21 -24.06
C VAL B 54 -9.76 -3.06 -24.85
N ALA B 55 -8.62 -3.22 -24.17
CA ALA B 55 -7.33 -3.11 -24.83
C ALA B 55 -7.11 -4.17 -25.89
N GLN B 56 -7.80 -5.31 -25.78
CA GLN B 56 -7.74 -6.32 -26.84
C GLN B 56 -8.54 -5.88 -28.05
N ARG B 57 -9.77 -5.38 -27.82
CA ARG B 57 -10.60 -4.90 -28.91
C ARG B 57 -9.92 -3.75 -29.65
N LEU B 58 -9.25 -2.86 -28.91
CA LEU B 58 -8.46 -1.81 -29.55
C LEU B 58 -7.23 -2.40 -30.23
N GLY B 59 -6.68 -3.50 -29.69
CA GLY B 59 -5.57 -4.17 -30.35
C GLY B 59 -5.98 -4.81 -31.66
N ALA B 60 -7.24 -5.25 -31.77
CA ALA B 60 -7.74 -5.76 -33.03
C ALA B 60 -7.82 -4.68 -34.10
N ALA B 61 -7.79 -3.40 -33.69
CA ALA B 61 -7.75 -2.27 -34.62
C ALA B 61 -6.36 -1.68 -34.74
N GLY B 62 -5.33 -2.46 -34.40
CA GLY B 62 -3.96 -1.97 -34.50
C GLY B 62 -3.59 -0.90 -33.51
N LEU B 63 -4.34 -0.74 -32.43
CA LEU B 63 -4.05 0.25 -31.41
C LEU B 63 -3.34 -0.40 -30.23
N VAL B 64 -2.30 0.28 -29.75
CA VAL B 64 -1.61 -0.13 -28.54
C VAL B 64 -2.16 0.70 -27.39
N THR B 65 -2.41 0.06 -26.25
CA THR B 65 -3.12 0.68 -25.14
C THR B 65 -2.25 0.70 -23.89
N TYR B 66 -2.16 1.87 -23.26
CA TYR B 66 -1.40 2.05 -22.02
C TYR B 66 -2.38 2.35 -20.91
N ALA B 67 -2.42 1.47 -19.91
CA ALA B 67 -3.41 1.55 -18.83
C ALA B 67 -2.68 1.45 -17.50
N LEU B 68 -2.55 2.58 -16.80
CA LEU B 68 -1.91 2.60 -15.50
C LEU B 68 -2.90 2.22 -14.41
N ASP B 69 -2.35 1.84 -13.27
CA ASP B 69 -3.09 1.77 -12.02
C ASP B 69 -2.80 3.06 -11.26
N HIS B 70 -3.85 3.82 -10.96
CA HIS B 70 -3.67 5.07 -10.24
C HIS B 70 -3.06 4.81 -8.86
N ARG B 71 -2.50 5.86 -8.27
CA ARG B 71 -1.98 5.76 -6.91
C ARG B 71 -3.08 5.29 -5.97
N GLY B 72 -2.72 4.40 -5.05
CA GLY B 72 -3.73 3.79 -4.20
C GLY B 72 -4.65 2.84 -4.90
N HIS B 73 -4.25 2.32 -6.07
CA HIS B 73 -5.07 1.40 -6.84
C HIS B 73 -4.21 0.28 -7.38
N GLY B 74 -4.76 -0.94 -7.37
CA GLY B 74 -4.09 -2.07 -7.98
C GLY B 74 -2.73 -2.32 -7.38
N ARG B 75 -1.78 -2.68 -8.24
CA ARG B 75 -0.40 -2.95 -7.81
C ARG B 75 0.42 -1.68 -7.68
N SER B 76 -0.18 -0.50 -7.85
CA SER B 76 0.52 0.74 -7.60
C SER B 76 0.62 0.99 -6.09
N GLY B 77 1.54 1.88 -5.72
CA GLY B 77 1.79 2.17 -4.33
C GLY B 77 0.76 3.12 -3.73
N GLY B 78 1.05 3.54 -2.51
CA GLY B 78 0.21 4.49 -1.81
C GLY B 78 -0.89 3.82 -1.01
N ALA B 79 -1.38 4.56 -0.01
CA ALA B 79 -2.54 4.10 0.75
C ALA B 79 -3.73 3.93 -0.19
N ARG B 80 -4.51 2.89 0.05
CA ARG B 80 -5.61 2.56 -0.85
C ARG B 80 -6.58 3.71 -0.97
N VAL B 81 -6.99 4.00 -2.21
CA VAL B 81 -7.87 5.10 -2.62
C VAL B 81 -7.59 6.38 -1.83
N LEU B 82 -6.33 6.69 -1.58
CA LEU B 82 -5.96 7.95 -0.95
C LEU B 82 -5.45 8.93 -1.99
N VAL B 83 -6.03 10.12 -2.01
CA VAL B 83 -5.54 11.22 -2.84
C VAL B 83 -5.85 12.52 -2.12
N ARG B 84 -4.94 13.49 -2.24
CA ARG B 84 -5.12 14.78 -1.62
C ARG B 84 -5.48 15.88 -2.62
N ASP B 85 -5.26 15.65 -3.91
CA ASP B 85 -5.56 16.65 -4.92
C ASP B 85 -5.69 15.95 -6.27
N ILE B 86 -6.62 16.43 -7.09
CA ILE B 86 -6.80 15.87 -8.43
C ILE B 86 -5.51 15.99 -9.24
N SER B 87 -4.64 16.93 -8.89
CA SER B 87 -3.37 17.09 -9.59
C SER B 87 -2.48 15.85 -9.44
N GLU B 88 -2.64 15.12 -8.34
CA GLU B 88 -1.88 13.87 -8.18
C GLU B 88 -2.24 12.88 -9.27
N TYR B 89 -3.54 12.75 -9.57
CA TYR B 89 -3.98 11.81 -10.60
C TYR B 89 -3.53 12.28 -11.99
N THR B 90 -3.72 13.56 -12.29
CA THR B 90 -3.41 14.08 -13.62
C THR B 90 -1.91 14.02 -13.90
N ALA B 91 -1.08 14.38 -12.90
CA ALA B 91 0.36 14.39 -13.11
C ALA B 91 0.87 12.99 -13.46
N ASP B 92 0.34 11.96 -12.80
CA ASP B 92 0.75 10.59 -13.11
C ASP B 92 0.24 10.18 -14.49
N PHE B 93 -0.98 10.58 -14.85
CA PHE B 93 -1.46 10.34 -16.20
C PHE B 93 -0.63 11.09 -17.23
N ASP B 94 -0.23 12.33 -16.89
CA ASP B 94 0.63 13.10 -17.78
C ASP B 94 1.97 12.42 -18.01
N THR B 95 2.41 11.59 -17.06
CA THR B 95 3.65 10.86 -17.25
C THR B 95 3.43 9.63 -18.12
N LEU B 96 2.31 8.92 -17.93
CA LEU B 96 2.07 7.71 -18.69
C LEU B 96 1.94 7.99 -20.18
N VAL B 97 1.39 9.15 -20.55
CA VAL B 97 1.37 9.51 -21.96
C VAL B 97 2.81 9.68 -22.47
N GLY B 98 3.69 10.21 -21.61
CA GLY B 98 5.08 10.36 -22.00
C GLY B 98 5.75 9.03 -22.30
N ILE B 99 5.47 8.02 -21.48
CA ILE B 99 5.96 6.67 -21.77
C ILE B 99 5.44 6.20 -23.13
N ALA B 100 4.20 6.58 -23.46
CA ALA B 100 3.59 6.12 -24.71
C ALA B 100 4.17 6.87 -25.91
N THR B 101 4.39 8.17 -25.79
CA THR B 101 4.94 8.93 -26.90
C THR B 101 6.36 8.48 -27.24
N ARG B 102 7.19 8.26 -26.23
CA ARG B 102 8.57 7.84 -26.48
C ARG B 102 8.61 6.46 -27.11
N GLU B 103 7.75 5.55 -26.66
CA GLU B 103 7.74 4.20 -27.22
C GLU B 103 7.19 4.18 -28.64
N TYR B 104 6.29 5.11 -28.97
CA TYR B 104 5.69 5.18 -30.30
C TYR B 104 5.65 6.64 -30.73
N PRO B 105 6.78 7.19 -31.20
CA PRO B 105 6.80 8.59 -31.61
C PRO B 105 6.04 8.81 -32.91
N GLY B 106 5.55 10.03 -33.09
CA GLY B 106 4.83 10.40 -34.29
C GLY B 106 3.39 9.93 -34.32
N CYS B 107 3.10 8.85 -33.60
CA CYS B 107 1.74 8.32 -33.56
C CYS B 107 0.79 9.30 -32.89
N LYS B 108 -0.49 9.20 -33.26
CA LYS B 108 -1.51 10.01 -32.63
C LYS B 108 -1.87 9.44 -31.27
N ARG B 109 -2.33 10.31 -30.37
CA ARG B 109 -2.53 9.95 -28.96
C ARG B 109 -4.00 10.05 -28.61
N ILE B 110 -4.58 8.92 -28.18
CA ILE B 110 -5.96 8.86 -27.73
C ILE B 110 -5.95 8.74 -26.21
N VAL B 111 -6.60 9.70 -25.54
CA VAL B 111 -6.78 9.65 -24.09
C VAL B 111 -8.16 9.08 -23.80
N LEU B 112 -8.20 8.04 -22.97
CA LEU B 112 -9.42 7.30 -22.71
C LEU B 112 -9.63 7.21 -21.21
N GLY B 113 -10.82 7.62 -20.74
CA GLY B 113 -11.12 7.60 -19.33
C GLY B 113 -12.52 7.13 -19.01
N HIS B 114 -12.68 6.41 -17.90
CA HIS B 114 -13.97 5.90 -17.47
C HIS B 114 -14.24 6.31 -16.03
N SER B 115 -15.43 6.88 -15.80
CA SER B 115 -15.91 7.27 -14.47
C SER B 115 -14.90 8.24 -13.87
N MET B 116 -14.27 7.92 -12.73
CA MET B 116 -13.25 8.82 -12.19
C MET B 116 -12.09 8.99 -13.17
N GLY B 117 -11.75 7.93 -13.90
CA GLY B 117 -10.75 8.06 -14.96
C GLY B 117 -11.18 9.03 -16.04
N GLY B 118 -12.47 9.11 -16.32
CA GLY B 118 -12.96 10.12 -17.26
C GLY B 118 -12.81 11.52 -16.73
N GLY B 119 -13.04 11.71 -15.43
CA GLY B 119 -12.82 13.01 -14.83
C GLY B 119 -11.35 13.38 -14.78
N ILE B 120 -10.47 12.39 -14.62
CA ILE B 120 -9.04 12.67 -14.64
C ILE B 120 -8.59 13.03 -16.05
N VAL B 121 -9.04 12.28 -17.05
CA VAL B 121 -8.65 12.55 -18.43
C VAL B 121 -9.17 13.90 -18.88
N PHE B 122 -10.40 14.24 -18.50
CA PHE B 122 -10.91 15.59 -18.74
C PHE B 122 -9.99 16.63 -18.10
N ALA B 123 -9.68 16.44 -16.82
CA ALA B 123 -8.87 17.42 -16.09
C ALA B 123 -7.48 17.54 -16.67
N TYR B 124 -6.88 16.41 -17.06
CA TYR B 124 -5.61 16.46 -17.76
C TYR B 124 -5.77 17.09 -19.14
N GLY B 125 -6.95 16.96 -19.75
CA GLY B 125 -7.19 17.51 -21.07
C GLY B 125 -7.27 19.02 -21.11
N VAL B 126 -8.20 19.61 -20.34
CA VAL B 126 -8.35 21.06 -20.31
C VAL B 126 -7.10 21.77 -19.83
N GLU B 127 -6.14 21.03 -19.27
CA GLU B 127 -4.85 21.62 -18.92
C GLU B 127 -3.89 21.57 -20.11
N ARG B 128 -3.79 20.43 -20.78
CA ARG B 128 -2.87 20.21 -21.89
C ARG B 128 -3.67 19.85 -23.15
N PRO B 129 -4.46 20.79 -23.69
CA PRO B 129 -5.31 20.45 -24.84
C PRO B 129 -4.53 20.18 -26.12
N ASP B 130 -3.24 20.49 -26.17
CA ASP B 130 -2.40 20.20 -27.33
C ASP B 130 -1.45 19.03 -27.09
N ASN B 131 -1.60 18.32 -25.97
CA ASN B 131 -0.76 17.18 -25.66
C ASN B 131 -1.36 15.85 -26.12
N TYR B 132 -2.58 15.86 -26.64
CA TYR B 132 -3.25 14.67 -27.13
C TYR B 132 -4.01 15.03 -28.39
N ASP B 133 -4.45 14.00 -29.12
CA ASP B 133 -5.13 14.20 -30.39
C ASP B 133 -6.61 13.83 -30.36
N LEU B 134 -7.00 12.79 -29.64
CA LEU B 134 -8.38 12.39 -29.52
C LEU B 134 -8.69 12.04 -28.08
N MET B 135 -9.92 12.30 -27.65
CA MET B 135 -10.36 12.02 -26.29
C MET B 135 -11.65 11.21 -26.34
N VAL B 136 -11.68 10.11 -25.58
CA VAL B 136 -12.85 9.27 -25.44
C VAL B 136 -13.14 9.11 -23.95
N LEU B 137 -14.37 9.42 -23.54
CA LEU B 137 -14.76 9.40 -22.14
C LEU B 137 -15.95 8.46 -21.96
N SER B 138 -15.80 7.50 -21.03
CA SER B 138 -16.85 6.53 -20.73
C SER B 138 -17.51 6.92 -19.41
N ALA B 139 -18.72 7.49 -19.50
CA ALA B 139 -19.48 7.97 -18.36
C ALA B 139 -18.59 8.81 -17.44
N PRO B 140 -18.11 9.97 -17.90
CA PRO B 140 -17.11 10.71 -17.12
C PRO B 140 -17.69 11.28 -15.85
N ALA B 141 -16.98 11.06 -14.73
CA ALA B 141 -17.35 11.67 -13.46
C ALA B 141 -16.97 13.14 -13.47
N VAL B 142 -17.68 13.94 -14.27
CA VAL B 142 -17.42 15.37 -14.39
C VAL B 142 -18.59 16.19 -13.84
N ALA B 143 -19.53 15.56 -13.14
CA ALA B 143 -20.67 16.23 -12.55
C ALA B 143 -20.99 15.57 -11.20
N ALA B 144 -19.99 15.49 -10.33
CA ALA B 144 -20.17 14.85 -9.03
C ALA B 144 -21.03 15.68 -8.09
N GLN B 145 -20.96 17.02 -8.20
CA GLN B 145 -21.72 17.89 -7.31
C GLN B 145 -23.23 17.74 -7.51
N ASP B 146 -23.67 17.18 -8.63
CA ASP B 146 -25.09 16.95 -8.83
C ASP B 146 -25.60 15.78 -8.01
N LEU B 147 -24.72 14.88 -7.58
CA LEU B 147 -25.13 13.70 -6.83
C LEU B 147 -25.48 14.01 -5.39
N VAL B 148 -25.00 15.14 -4.85
CA VAL B 148 -25.24 15.52 -3.47
C VAL B 148 -25.62 16.99 -3.42
N SER B 149 -26.19 17.41 -2.29
CA SER B 149 -26.57 18.79 -2.10
C SER B 149 -25.31 19.67 -2.08
N PRO B 150 -25.47 20.97 -2.35
CA PRO B 150 -24.31 21.88 -2.21
C PRO B 150 -23.76 21.94 -0.80
N VAL B 151 -24.56 21.58 0.21
CA VAL B 151 -24.09 21.55 1.58
C VAL B 151 -23.30 20.28 1.86
N VAL B 152 -23.67 19.17 1.23
CA VAL B 152 -22.86 17.97 1.31
C VAL B 152 -21.57 18.16 0.52
N ALA B 153 -21.64 18.88 -0.60
CA ALA B 153 -20.47 19.12 -1.41
C ALA B 153 -19.41 19.93 -0.65
N VAL B 154 -19.82 20.97 0.09
CA VAL B 154 -18.87 21.76 0.87
C VAL B 154 -18.35 20.96 2.06
N ALA B 155 -19.17 20.06 2.61
CA ALA B 155 -18.71 19.14 3.65
C ALA B 155 -17.63 18.21 3.13
N ALA B 156 -17.79 17.70 1.91
CA ALA B 156 -16.81 16.79 1.35
C ALA B 156 -15.54 17.53 0.94
N LYS B 157 -15.69 18.73 0.40
CA LYS B 157 -14.52 19.55 -0.01
C LYS B 157 -13.60 19.77 1.20
N LEU B 158 -14.18 20.01 2.38
CA LEU B 158 -13.35 20.32 3.58
C LEU B 158 -12.76 19.01 4.13
N LEU B 159 -13.54 17.94 4.11
CA LEU B 159 -13.08 16.67 4.66
C LEU B 159 -11.92 16.10 3.85
N GLY B 160 -12.00 16.21 2.52
CA GLY B 160 -10.92 15.73 1.67
C GLY B 160 -9.59 16.42 1.94
N VAL B 161 -9.62 17.55 2.63
CA VAL B 161 -8.39 18.22 3.03
C VAL B 161 -7.86 17.69 4.36
N VAL B 162 -8.73 17.60 5.37
CA VAL B 162 -8.26 17.25 6.70
C VAL B 162 -8.19 15.74 6.89
N VAL B 163 -9.17 15.00 6.39
CA VAL B 163 -9.24 13.56 6.58
C VAL B 163 -9.41 12.87 5.23
N PRO B 164 -8.44 12.94 4.33
CA PRO B 164 -8.65 12.41 2.97
C PRO B 164 -8.94 10.91 2.93
N GLY B 165 -8.55 10.16 3.95
CA GLY B 165 -8.81 8.73 3.98
C GLY B 165 -10.12 8.32 4.59
N LEU B 166 -10.91 9.27 5.07
CA LEU B 166 -12.16 8.95 5.75
C LEU B 166 -13.22 8.48 4.77
N PRO B 167 -13.80 7.30 4.94
CA PRO B 167 -14.91 6.87 4.07
C PRO B 167 -16.14 7.74 4.31
N VAL B 168 -16.71 8.26 3.23
CA VAL B 168 -17.78 9.25 3.35
C VAL B 168 -19.01 8.90 2.50
N GLN B 169 -18.89 7.94 1.59
CA GLN B 169 -20.03 7.59 0.76
C GLN B 169 -19.88 6.17 0.22
N GLU B 170 -20.96 5.38 0.32
CA GLU B 170 -21.03 4.05 -0.27
C GLU B 170 -21.58 4.12 -1.69
N LEU B 171 -21.28 3.08 -2.46
CA LEU B 171 -21.77 2.96 -3.83
C LEU B 171 -22.38 1.58 -4.02
N ASP B 172 -23.36 1.50 -4.92
CA ASP B 172 -23.95 0.21 -5.28
C ASP B 172 -23.00 -0.47 -6.25
N PHE B 173 -22.14 -1.33 -5.72
CA PHE B 173 -21.16 -2.05 -6.54
C PHE B 173 -21.81 -3.05 -7.48
N THR B 174 -23.13 -3.23 -7.43
CA THR B 174 -23.84 -4.08 -8.37
C THR B 174 -24.25 -3.34 -9.64
N ALA B 175 -24.41 -2.02 -9.57
CA ALA B 175 -24.78 -1.19 -10.72
C ALA B 175 -23.65 -1.04 -11.74
N ILE B 176 -22.53 -1.75 -11.58
CA ILE B 176 -21.44 -1.61 -12.54
C ILE B 176 -21.69 -2.44 -13.80
N SER B 177 -22.41 -3.56 -13.67
CA SER B 177 -22.60 -4.44 -14.81
C SER B 177 -23.81 -5.32 -14.55
N ARG B 178 -24.62 -5.52 -15.60
CA ARG B 178 -25.76 -6.43 -15.49
C ARG B 178 -25.31 -7.88 -15.42
N ASP B 179 -24.14 -8.18 -15.96
CA ASP B 179 -23.58 -9.52 -15.87
C ASP B 179 -23.17 -9.81 -14.42
N PRO B 180 -23.78 -10.80 -13.77
CA PRO B 180 -23.35 -11.11 -12.39
C PRO B 180 -21.92 -11.63 -12.32
N GLU B 181 -21.43 -12.27 -13.38
CA GLU B 181 -20.06 -12.74 -13.40
C GLU B 181 -19.07 -11.59 -13.37
N VAL B 182 -19.47 -10.41 -13.87
CA VAL B 182 -18.61 -9.24 -13.81
C VAL B 182 -18.59 -8.62 -12.42
N VAL B 183 -19.74 -8.64 -11.73
CA VAL B 183 -19.81 -8.07 -10.38
C VAL B 183 -18.95 -8.87 -9.41
N GLN B 184 -19.00 -10.21 -9.51
CA GLN B 184 -18.31 -11.03 -8.54
C GLN B 184 -16.81 -11.11 -8.80
N ALA B 185 -16.39 -11.08 -10.07
CA ALA B 185 -14.96 -10.99 -10.35
C ALA B 185 -14.40 -9.65 -9.87
N TYR B 186 -15.21 -8.60 -9.99
CA TYR B 186 -14.91 -7.33 -9.32
C TYR B 186 -14.79 -7.53 -7.82
N ASN B 187 -15.75 -8.23 -7.22
CA ASN B 187 -15.73 -8.47 -5.78
C ASN B 187 -14.59 -9.40 -5.37
N THR B 188 -14.18 -10.30 -6.26
CA THR B 188 -13.14 -11.28 -5.94
C THR B 188 -11.74 -10.68 -6.03
N ASP B 189 -11.52 -9.77 -6.98
CA ASP B 189 -10.21 -9.23 -7.32
C ASP B 189 -9.50 -8.72 -6.07
N PRO B 190 -8.31 -9.25 -5.74
CA PRO B 190 -7.61 -8.78 -4.53
C PRO B 190 -7.20 -7.32 -4.60
N LEU B 191 -7.05 -6.76 -5.80
CA LEU B 191 -6.58 -5.39 -5.95
C LEU B 191 -7.70 -4.36 -5.97
N VAL B 192 -8.95 -4.79 -6.12
CA VAL B 192 -10.07 -3.85 -6.18
C VAL B 192 -10.41 -3.34 -4.78
N HIS B 193 -10.69 -2.04 -4.69
CA HIS B 193 -11.17 -1.46 -3.44
C HIS B 193 -12.65 -1.82 -3.26
N HIS B 194 -12.96 -2.50 -2.15
CA HIS B 194 -14.30 -3.00 -1.89
C HIS B 194 -15.04 -2.17 -0.85
N GLY B 195 -14.56 -0.97 -0.54
CA GLY B 195 -15.12 -0.14 0.50
C GLY B 195 -15.84 1.08 -0.03
N ARG B 196 -15.93 2.10 0.82
CA ARG B 196 -16.66 3.32 0.52
C ARG B 196 -15.73 4.36 -0.12
N VAL B 197 -16.35 5.41 -0.65
CA VAL B 197 -15.62 6.53 -1.25
C VAL B 197 -14.97 7.35 -0.15
N PRO B 198 -13.64 7.49 -0.16
CA PRO B 198 -12.99 8.34 0.83
C PRO B 198 -13.15 9.82 0.49
N ALA B 199 -12.90 10.65 1.50
CA ALA B 199 -13.13 12.09 1.35
C ALA B 199 -12.17 12.72 0.35
N GLY B 200 -10.95 12.20 0.24
CA GLY B 200 -9.99 12.80 -0.68
C GLY B 200 -10.42 12.69 -2.13
N ILE B 201 -10.96 11.54 -2.53
CA ILE B 201 -11.43 11.36 -3.89
C ILE B 201 -12.73 12.11 -4.12
N GLY B 202 -13.63 12.07 -3.14
CA GLY B 202 -14.85 12.86 -3.24
C GLY B 202 -14.58 14.33 -3.50
N ARG B 203 -13.57 14.88 -2.82
CA ARG B 203 -13.17 16.26 -3.06
C ARG B 203 -12.63 16.43 -4.48
N ALA B 204 -11.73 15.54 -4.89
CA ALA B 204 -11.10 15.66 -6.20
C ALA B 204 -12.14 15.61 -7.31
N LEU B 205 -13.15 14.75 -7.17
CA LEU B 205 -14.21 14.67 -8.18
C LEU B 205 -15.07 15.92 -8.16
N LEU B 206 -15.43 16.41 -6.97
CA LEU B 206 -16.22 17.63 -6.88
C LEU B 206 -15.46 18.82 -7.48
N GLN B 207 -14.14 18.86 -7.28
CA GLN B 207 -13.33 19.92 -7.87
C GLN B 207 -13.50 19.96 -9.38
N VAL B 208 -13.43 18.79 -10.03
CA VAL B 208 -13.56 18.73 -11.49
C VAL B 208 -14.97 19.07 -11.92
N GLY B 209 -15.97 18.64 -11.15
CA GLY B 209 -17.35 18.86 -11.54
C GLY B 209 -17.76 20.33 -11.45
N GLU B 210 -17.38 21.01 -10.36
CA GLU B 210 -17.78 22.40 -10.18
C GLU B 210 -17.21 23.28 -11.28
N THR B 211 -15.99 23.01 -11.73
CA THR B 211 -15.35 23.82 -12.75
C THR B 211 -15.55 23.28 -14.17
N MET B 212 -16.21 22.13 -14.32
CA MET B 212 -16.40 21.55 -15.65
C MET B 212 -17.04 22.53 -16.63
N PRO B 213 -18.15 23.21 -16.32
CA PRO B 213 -18.70 24.17 -17.29
C PRO B 213 -17.72 25.28 -17.63
N ARG B 214 -16.85 25.66 -16.70
CA ARG B 214 -15.92 26.77 -16.93
C ARG B 214 -14.71 26.34 -17.75
N ARG B 215 -14.24 25.10 -17.57
CA ARG B 215 -13.01 24.64 -18.20
C ARG B 215 -13.22 23.92 -19.53
N ALA B 216 -14.46 23.52 -19.85
CA ALA B 216 -14.70 22.63 -21.00
C ALA B 216 -14.40 23.30 -22.35
N PRO B 217 -14.75 24.61 -22.59
CA PRO B 217 -14.30 25.25 -23.85
C PRO B 217 -12.81 25.09 -24.15
N ALA B 218 -11.97 24.87 -23.14
CA ALA B 218 -10.53 24.68 -23.35
C ALA B 218 -10.22 23.40 -24.13
N LEU B 219 -11.19 22.50 -24.30
CA LEU B 219 -10.97 21.28 -25.07
C LEU B 219 -11.18 21.57 -26.56
N THR B 220 -10.15 21.28 -27.36
CA THR B 220 -10.21 21.51 -28.80
C THR B 220 -10.22 20.23 -29.63
N ALA B 221 -9.61 19.15 -29.14
CA ALA B 221 -9.54 17.92 -29.89
C ALA B 221 -10.90 17.24 -29.96
N PRO B 222 -11.12 16.39 -30.96
CA PRO B 222 -12.37 15.65 -31.05
C PRO B 222 -12.61 14.81 -29.81
N LEU B 223 -13.88 14.65 -29.46
CA LEU B 223 -14.26 14.03 -28.20
C LEU B 223 -15.42 13.07 -28.45
N LEU B 224 -15.38 11.93 -27.76
CA LEU B 224 -16.41 10.91 -27.86
C LEU B 224 -16.81 10.51 -26.44
N VAL B 225 -18.05 10.82 -26.05
CA VAL B 225 -18.59 10.41 -24.77
C VAL B 225 -19.52 9.22 -24.98
N LEU B 226 -19.33 8.17 -24.20
CA LEU B 226 -20.25 7.07 -24.10
C LEU B 226 -20.96 7.12 -22.76
N HIS B 227 -22.22 6.69 -22.74
CA HIS B 227 -22.97 6.64 -21.49
C HIS B 227 -24.17 5.72 -21.69
N GLY B 228 -24.22 4.64 -20.92
CA GLY B 228 -25.33 3.72 -21.02
C GLY B 228 -26.58 4.28 -20.36
N THR B 229 -27.72 3.92 -20.95
CA THR B 229 -29.00 4.31 -20.36
C THR B 229 -29.16 3.63 -19.01
N ASP B 230 -29.93 4.28 -18.13
CA ASP B 230 -30.20 3.79 -16.79
C ASP B 230 -28.89 3.60 -16.00
N ASP B 231 -28.04 4.61 -16.03
CA ASP B 231 -26.82 4.62 -15.24
C ASP B 231 -27.11 5.32 -13.91
N ARG B 232 -27.01 4.57 -12.81
CA ARG B 232 -27.32 5.11 -11.49
C ARG B 232 -26.09 5.68 -10.79
N LEU B 233 -24.90 5.16 -11.09
CA LEU B 233 -23.69 5.69 -10.48
C LEU B 233 -23.42 7.12 -10.92
N ILE B 234 -23.46 7.36 -12.23
CA ILE B 234 -23.37 8.70 -12.80
C ILE B 234 -24.52 8.90 -13.78
N PRO B 235 -25.36 9.92 -13.59
CA PRO B 235 -26.52 10.09 -14.48
C PRO B 235 -26.11 10.62 -15.85
N ILE B 236 -26.89 10.22 -16.86
CA ILE B 236 -26.59 10.57 -18.24
C ILE B 236 -26.67 12.08 -18.47
N GLU B 237 -27.34 12.81 -17.57
CA GLU B 237 -27.43 14.26 -17.71
C GLU B 237 -26.05 14.90 -17.72
N GLY B 238 -25.13 14.38 -16.90
CA GLY B 238 -23.81 14.97 -16.81
C GLY B 238 -23.06 14.95 -18.12
N SER B 239 -23.20 13.86 -18.88
CA SER B 239 -22.56 13.77 -20.18
C SER B 239 -23.19 14.74 -21.18
N ARG B 240 -24.51 14.84 -21.17
CA ARG B 240 -25.19 15.80 -22.04
C ARG B 240 -24.78 17.22 -21.70
N ARG B 241 -24.62 17.53 -20.41
CA ARG B 241 -24.12 18.83 -20.00
C ARG B 241 -22.65 19.02 -20.37
N LEU B 242 -21.91 17.92 -20.55
CA LEU B 242 -20.50 18.02 -20.90
C LEU B 242 -20.32 18.30 -22.39
N VAL B 243 -21.03 17.54 -23.24
CA VAL B 243 -20.89 17.72 -24.68
C VAL B 243 -21.42 19.07 -25.12
N GLU B 244 -22.41 19.61 -24.42
CA GLU B 244 -22.93 20.94 -24.73
C GLU B 244 -22.04 22.06 -24.22
N CYS B 245 -20.98 21.74 -23.47
CA CYS B 245 -20.05 22.74 -22.95
C CYS B 245 -18.68 22.71 -23.61
N VAL B 246 -18.21 21.53 -24.02
CA VAL B 246 -16.89 21.40 -24.61
C VAL B 246 -16.81 22.25 -25.87
N GLY B 247 -15.72 23.01 -26.01
CA GLY B 247 -15.58 23.90 -27.16
C GLY B 247 -15.38 23.19 -28.48
N SER B 248 -14.98 21.92 -28.44
CA SER B 248 -14.79 21.15 -29.66
C SER B 248 -16.07 21.12 -30.49
N ALA B 249 -15.93 21.28 -31.80
CA ALA B 249 -17.06 21.12 -32.69
C ALA B 249 -17.32 19.65 -33.00
N ASP B 250 -16.27 18.82 -33.00
CA ASP B 250 -16.40 17.38 -33.25
C ASP B 250 -16.55 16.64 -31.93
N VAL B 251 -17.70 16.83 -31.32
CA VAL B 251 -18.08 16.15 -30.09
C VAL B 251 -19.26 15.25 -30.41
N GLN B 252 -19.37 14.14 -29.69
CA GLN B 252 -20.49 13.23 -29.86
C GLN B 252 -20.75 12.49 -28.56
N LEU B 253 -22.02 12.36 -28.20
CA LEU B 253 -22.45 11.52 -27.08
C LEU B 253 -23.33 10.41 -27.64
N LYS B 254 -22.86 9.17 -27.49
CA LYS B 254 -23.64 7.99 -27.85
C LYS B 254 -24.29 7.44 -26.59
N GLU B 255 -25.62 7.46 -26.56
CA GLU B 255 -26.38 6.98 -25.42
C GLU B 255 -26.89 5.57 -25.71
N TYR B 256 -26.64 4.66 -24.78
CA TYR B 256 -26.99 3.26 -24.97
C TYR B 256 -28.02 2.81 -23.93
N HIS B 261 -23.30 0.50 -15.75
CA HIS B 261 -22.32 1.57 -15.62
C HIS B 261 -21.20 1.43 -16.65
N GLU B 262 -20.47 0.32 -16.58
CA GLU B 262 -19.43 0.03 -17.55
C GLU B 262 -20.08 -0.27 -18.90
N VAL B 263 -20.11 0.72 -19.78
CA VAL B 263 -20.53 0.47 -21.16
C VAL B 263 -19.62 -0.55 -21.82
N PHE B 264 -18.44 -0.77 -21.25
CA PHE B 264 -17.51 -1.79 -21.71
C PHE B 264 -17.80 -3.16 -21.08
N ASN B 265 -18.84 -3.27 -20.24
CA ASN B 265 -19.22 -4.56 -19.67
C ASN B 265 -20.72 -4.69 -19.48
N GLU B 266 -21.52 -3.78 -20.03
CA GLU B 266 -22.96 -3.87 -20.03
C GLU B 266 -23.40 -4.91 -21.06
N PRO B 267 -24.69 -5.21 -21.17
CA PRO B 267 -25.14 -6.05 -22.28
C PRO B 267 -24.82 -5.40 -23.62
N GLU B 268 -24.35 -6.24 -24.55
CA GLU B 268 -23.93 -5.81 -25.88
C GLU B 268 -22.82 -4.76 -25.81
N ARG B 269 -21.72 -5.12 -25.14
CA ARG B 269 -20.55 -4.26 -25.10
C ARG B 269 -20.02 -3.97 -26.50
N ASN B 270 -20.22 -4.91 -27.43
CA ASN B 270 -19.62 -4.80 -28.75
C ASN B 270 -20.17 -3.62 -29.52
N GLN B 271 -21.47 -3.33 -29.38
CA GLN B 271 -22.05 -2.16 -30.03
C GLN B 271 -21.35 -0.88 -29.57
N VAL B 272 -21.08 -0.78 -28.27
CA VAL B 272 -20.36 0.39 -27.77
C VAL B 272 -18.92 0.39 -28.23
N LEU B 273 -18.25 -0.78 -28.15
CA LEU B 273 -16.83 -0.85 -28.44
C LEU B 273 -16.53 -0.78 -29.92
N ASP B 274 -17.45 -1.23 -30.77
CA ASP B 274 -17.29 -1.02 -32.20
C ASP B 274 -17.64 0.40 -32.61
N ASP B 275 -18.58 1.03 -31.89
CA ASP B 275 -18.82 2.46 -32.07
C ASP B 275 -17.56 3.27 -31.77
N VAL B 276 -16.75 2.80 -30.81
CA VAL B 276 -15.52 3.51 -30.47
C VAL B 276 -14.50 3.38 -31.59
N VAL B 277 -14.27 2.17 -32.07
CA VAL B 277 -13.25 1.95 -33.09
C VAL B 277 -13.64 2.61 -34.40
N ALA B 278 -14.92 2.57 -34.75
CA ALA B 278 -15.39 3.28 -35.94
C ALA B 278 -15.16 4.78 -35.80
N TRP B 279 -15.41 5.32 -34.60
CA TRP B 279 -15.17 6.74 -34.35
C TRP B 279 -13.70 7.08 -34.47
N LEU B 280 -12.83 6.19 -33.98
CA LEU B 280 -11.39 6.46 -34.01
C LEU B 280 -10.84 6.40 -35.43
N THR B 281 -11.27 5.41 -36.22
CA THR B 281 -10.74 5.25 -37.57
C THR B 281 -11.12 6.40 -38.47
N GLU B 282 -12.33 6.93 -38.30
CA GLU B 282 -12.77 8.10 -39.08
C GLU B 282 -11.87 9.30 -38.84
N ARG B 283 -11.09 9.31 -37.76
CA ARG B 283 -10.24 10.44 -37.41
C ARG B 283 -8.76 10.12 -37.39
N LEU B 284 -8.38 8.85 -37.41
CA LEU B 284 -6.97 8.49 -37.44
C LEU B 284 -6.42 8.52 -38.86
#